data_6VRT
#
_entry.id   6VRT
#
_cell.length_a   87.802
_cell.length_b   114.408
_cell.length_c   133.702
_cell.angle_alpha   90.00
_cell.angle_beta   90.00
_cell.angle_gamma   90.00
#
_symmetry.space_group_name_H-M   'I 2 2 2'
#
loop_
_entity.id
_entity.type
_entity.pdbx_description
1 polymer 'Sonepcizumab antibody Fab fragment, heavy chain'
2 polymer 'Sonepcizumab antibody Fab fragment, light chain'
3 non-polymer 'SULFATE ION'
4 non-polymer 'CALCIUM ION'
5 water water
#
loop_
_entity_poly.entity_id
_entity_poly.type
_entity_poly.pdbx_seq_one_letter_code
_entity_poly.pdbx_strand_id
1 'polypeptide(L)'
;EVQLVQSGAEVKKPGESLKISCQSFGYIFIDHTIHWMRQMPGQGLEWMGAISPRHDITKYNEMFRGQVTISADKSSSTAY
LQWSSLKASDTAMYFCARGGFYGSTIWFDFWGQGTMVTVSSASTKGPSVFPLAPSSKSTSGGTAALGCLVKDYFPEPVTV
SWNSGALTSGVHTFPAVLQSSGLYSLSSVVTVPSSSLGTQTYICNVNHKPSNTKVDKRVEPKSCD
;
H
2 'polypeptide(L)'
;ETTVTQSPSFLSASVGDRVTITCITTTDIDDDMNWFQQEPGKAPKLLISEGNILRPGVPSRFSSSGYGTDFTLTISKLQP
EDFATYYCLQSDNLPFTFGQGTKLEIKRTVAAPSVFIFPPSDEQLKSGTASVVCLLNNFYPREAKVQWKVDNALQSGNSQ
ESVTEQDSKDSTYSLSSTLTLSKADYEKHKVYACEVTHQGLSSPVTKSFNRGEC
;
L
#
loop_
_chem_comp.id
_chem_comp.type
_chem_comp.name
_chem_comp.formula
CA non-polymer 'CALCIUM ION' 'Ca 2'
SO4 non-polymer 'SULFATE ION' 'O4 S -2'
#
# COMPACT_ATOMS: atom_id res chain seq x y z
N GLU A 1 -16.16 16.35 -21.76
CA GLU A 1 -15.67 16.21 -20.40
C GLU A 1 -14.16 16.00 -20.35
N VAL A 2 -13.53 16.60 -19.35
CA VAL A 2 -12.08 16.62 -19.23
C VAL A 2 -11.59 15.29 -18.67
N GLN A 3 -10.68 14.65 -19.39
CA GLN A 3 -9.95 13.48 -18.91
C GLN A 3 -8.48 13.68 -19.18
N LEU A 4 -7.65 13.23 -18.24
CA LEU A 4 -6.21 13.08 -18.43
C LEU A 4 -5.95 11.58 -18.44
N VAL A 5 -5.57 11.03 -19.59
CA VAL A 5 -5.44 9.59 -19.75
C VAL A 5 -3.97 9.21 -19.87
N GLN A 6 -3.48 8.42 -18.90
CA GLN A 6 -2.08 8.05 -18.80
C GLN A 6 -1.81 6.70 -19.44
N SER A 7 -0.54 6.47 -19.74
CA SER A 7 -0.09 5.20 -20.33
C SER A 7 0.02 4.12 -19.25
N GLY A 8 0.16 2.85 -19.71
CA GLY A 8 0.05 1.70 -18.83
C GLY A 8 1.31 1.38 -18.04
N ALA A 9 1.17 0.46 -17.09
CA ALA A 9 2.23 0.19 -16.14
C ALA A 9 3.47 -0.32 -16.84
N GLU A 10 4.62 -0.11 -16.20
CA GLU A 10 5.92 -0.40 -16.78
C GLU A 10 6.74 -1.23 -15.80
N VAL A 11 7.40 -2.27 -16.30
CA VAL A 11 8.44 -2.96 -15.54
C VAL A 11 9.70 -2.91 -16.36
N LYS A 12 10.77 -2.41 -15.76
CA LYS A 12 12.03 -2.20 -16.44
C LYS A 12 13.17 -2.64 -15.56
N LYS A 13 14.26 -2.94 -16.17
CA LYS A 13 15.54 -3.21 -15.54
C LYS A 13 16.29 -1.90 -15.32
N PRO A 14 17.09 -1.79 -14.25
CA PRO A 14 17.83 -0.54 -14.03
C PRO A 14 18.78 -0.26 -15.19
N GLY A 15 18.86 1.00 -15.55
CA GLY A 15 19.67 1.42 -16.66
C GLY A 15 18.93 1.54 -17.97
N GLU A 16 17.74 0.94 -18.10
CA GLU A 16 16.96 1.17 -19.30
C GLU A 16 16.35 2.57 -19.25
N SER A 17 15.96 3.07 -20.41
CA SER A 17 15.25 4.34 -20.46
C SER A 17 13.74 4.07 -20.52
N LEU A 18 12.96 5.11 -20.22
CA LEU A 18 11.51 4.99 -20.21
C LEU A 18 10.86 6.34 -20.46
N LYS A 19 9.77 6.33 -21.20
CA LYS A 19 8.99 7.53 -21.48
C LYS A 19 7.53 7.18 -21.27
N ILE A 20 6.87 7.82 -20.30
CA ILE A 20 5.45 7.61 -20.03
C ILE A 20 4.68 8.85 -20.47
N SER A 21 3.39 8.68 -20.74
CA SER A 21 2.65 9.75 -21.38
C SER A 21 1.34 10.06 -20.68
N CYS A 22 0.80 11.22 -21.03
CA CYS A 22 -0.44 11.75 -20.46
C CYS A 22 -1.16 12.53 -21.54
N GLN A 23 -2.33 12.03 -21.98
CA GLN A 23 -3.09 12.64 -23.07
C GLN A 23 -4.31 13.37 -22.52
N SER A 24 -4.52 14.60 -23.01
CA SER A 24 -5.54 15.49 -22.48
C SER A 24 -6.77 15.52 -23.38
N PHE A 25 -7.90 15.13 -22.84
CA PHE A 25 -9.17 15.14 -23.56
C PHE A 25 -10.10 16.20 -22.99
N GLY A 26 -10.78 16.91 -23.90
CA GLY A 26 -11.93 17.71 -23.54
C GLY A 26 -11.64 19.14 -23.15
N TYR A 27 -10.46 19.65 -23.48
CA TYR A 27 -10.13 21.05 -23.26
C TYR A 27 -8.98 21.38 -24.21
N ILE A 28 -8.73 22.69 -24.38
CA ILE A 28 -7.72 23.18 -25.31
C ILE A 28 -6.35 23.10 -24.65
N PHE A 29 -5.44 22.30 -25.25
CA PHE A 29 -4.15 22.00 -24.62
C PHE A 29 -3.40 23.26 -24.17
N ILE A 30 -3.22 24.22 -25.09
CA ILE A 30 -2.36 25.37 -24.82
C ILE A 30 -2.97 26.29 -23.78
N ASP A 31 -4.12 25.92 -23.22
CA ASP A 31 -4.78 26.80 -22.26
C ASP A 31 -4.41 26.50 -20.83
N HIS A 32 -3.58 25.48 -20.59
CA HIS A 32 -3.31 24.98 -19.25
C HIS A 32 -1.88 24.48 -19.17
N THR A 33 -1.51 23.99 -17.99
CA THR A 33 -0.22 23.34 -17.82
C THR A 33 -0.44 21.92 -17.35
N ILE A 34 0.50 21.04 -17.70
CA ILE A 34 0.54 19.67 -17.22
C ILE A 34 1.68 19.53 -16.21
N HIS A 35 1.40 18.91 -15.08
CA HIS A 35 2.37 18.70 -14.01
C HIS A 35 2.54 17.21 -13.75
N TRP A 36 3.73 16.84 -13.28
CA TRP A 36 4.08 15.46 -12.97
C TRP A 36 4.37 15.33 -11.49
N MET A 37 3.68 14.40 -10.85
CA MET A 37 3.82 14.10 -9.43
C MET A 37 4.37 12.69 -9.27
N ARG A 38 5.35 12.52 -8.38
CA ARG A 38 5.77 11.20 -7.95
C ARG A 38 5.18 10.85 -6.59
N GLN A 39 4.85 9.57 -6.42
CA GLN A 39 4.34 9.03 -5.17
C GLN A 39 4.97 7.66 -5.02
N MET A 40 6.04 7.59 -4.24
CA MET A 40 6.71 6.32 -4.05
C MET A 40 5.85 5.43 -3.16
N PRO A 41 6.09 4.11 -3.18
CA PRO A 41 5.19 3.18 -2.50
C PRO A 41 5.02 3.55 -1.04
N GLY A 42 3.77 3.74 -0.62
CA GLY A 42 3.43 4.01 0.76
C GLY A 42 3.80 5.38 1.29
N GLN A 43 4.05 6.35 0.42
CA GLN A 43 4.47 7.65 0.90
C GLN A 43 3.63 8.76 0.28
N GLY A 44 4.04 10.01 0.44
CA GLY A 44 3.25 11.14 0.01
C GLY A 44 3.52 11.48 -1.45
N LEU A 45 3.08 12.66 -1.84
CA LEU A 45 3.22 13.13 -3.21
C LEU A 45 4.39 14.11 -3.30
N GLU A 46 5.02 14.15 -4.48
CA GLU A 46 6.11 15.08 -4.76
C GLU A 46 5.89 15.71 -6.12
N TRP A 47 6.18 17.01 -6.23
CA TRP A 47 6.01 17.74 -7.48
C TRP A 47 7.32 17.68 -8.25
N MET A 48 7.28 17.12 -9.46
CA MET A 48 8.53 16.96 -10.21
C MET A 48 8.78 18.10 -11.19
N GLY A 49 7.73 18.75 -11.67
CA GLY A 49 7.90 19.74 -12.71
C GLY A 49 6.61 19.86 -13.51
N ALA A 50 6.70 20.65 -14.58
CA ALA A 50 5.52 21.04 -15.33
C ALA A 50 5.93 21.53 -16.71
N ILE A 51 4.96 21.56 -17.62
CA ILE A 51 5.17 22.06 -18.96
C ILE A 51 3.99 22.95 -19.33
N SER A 52 4.28 24.05 -19.97
CA SER A 52 3.22 24.89 -20.48
C SER A 52 3.31 24.77 -21.99
N PRO A 53 2.35 24.12 -22.65
CA PRO A 53 2.49 23.91 -24.10
C PRO A 53 2.39 25.20 -24.90
N ARG A 54 1.68 26.22 -24.42
CA ARG A 54 1.57 27.49 -25.18
C ARG A 54 2.94 28.11 -25.44
N HIS A 55 3.89 27.93 -24.52
CA HIS A 55 5.17 28.61 -24.62
C HIS A 55 6.34 27.66 -24.72
N ASP A 56 6.11 26.34 -24.64
CA ASP A 56 7.17 25.36 -24.49
C ASP A 56 8.03 25.58 -23.24
N ILE A 57 7.54 26.38 -22.28
CA ILE A 57 8.25 26.59 -21.03
C ILE A 57 8.15 25.34 -20.17
N THR A 58 9.30 24.86 -19.68
CA THR A 58 9.38 23.71 -18.79
C THR A 58 10.07 24.09 -17.49
N LYS A 59 9.44 23.77 -16.36
CA LYS A 59 9.95 24.07 -15.04
C LYS A 59 10.16 22.77 -14.25
N TYR A 60 11.24 22.70 -13.47
CA TYR A 60 11.53 21.50 -12.68
C TYR A 60 11.79 21.83 -11.23
N ASN A 61 11.26 21.00 -10.35
CA ASN A 61 11.83 20.87 -9.03
C ASN A 61 13.30 20.49 -9.20
N GLU A 62 14.17 21.14 -8.41
CA GLU A 62 15.60 20.92 -8.56
C GLU A 62 16.03 19.51 -8.17
N MET A 63 15.25 18.83 -7.31
CA MET A 63 15.59 17.46 -6.95
C MET A 63 15.42 16.49 -8.10
N PHE A 64 14.82 16.92 -9.21
CA PHE A 64 14.59 16.06 -10.36
C PHE A 64 15.24 16.56 -11.64
N ARG A 65 15.55 17.86 -11.73
CA ARG A 65 16.26 18.37 -12.89
C ARG A 65 17.48 17.51 -13.18
N GLY A 66 17.68 17.20 -14.45
CA GLY A 66 18.80 16.39 -14.86
C GLY A 66 18.65 14.91 -14.64
N GLN A 67 17.62 14.47 -13.90
CA GLN A 67 17.27 13.06 -13.91
C GLN A 67 16.08 12.71 -14.78
N VAL A 68 15.19 13.67 -15.09
CA VAL A 68 14.04 13.43 -15.95
C VAL A 68 13.85 14.60 -16.91
N THR A 69 13.11 14.35 -17.99
CA THR A 69 12.77 15.32 -19.01
C THR A 69 11.27 15.32 -19.23
N ILE A 70 10.62 16.46 -19.02
CA ILE A 70 9.21 16.68 -19.35
C ILE A 70 9.11 17.28 -20.75
N SER A 71 8.26 16.70 -21.61
CA SER A 71 8.07 17.25 -22.96
C SER A 71 6.58 17.19 -23.31
N ALA A 72 6.27 17.51 -24.57
CA ALA A 72 4.90 17.59 -25.03
C ALA A 72 4.86 17.53 -26.54
N ASP A 73 3.79 16.93 -27.05
CA ASP A 73 3.42 16.96 -28.47
C ASP A 73 2.10 17.72 -28.52
N LYS A 74 2.14 18.93 -29.09
CA LYS A 74 0.93 19.75 -29.09
C LYS A 74 -0.18 19.13 -29.93
N SER A 75 0.19 18.41 -31.01
CA SER A 75 -0.81 17.93 -31.96
C SER A 75 -1.66 16.78 -31.42
N SER A 76 -1.23 16.11 -30.36
CA SER A 76 -2.04 15.07 -29.71
C SER A 76 -2.41 15.42 -28.28
N SER A 77 -2.12 16.66 -27.83
CA SER A 77 -2.29 17.11 -26.44
C SER A 77 -1.69 16.11 -25.46
N THR A 78 -0.46 15.68 -25.72
CA THR A 78 0.18 14.70 -24.87
C THR A 78 1.40 15.32 -24.21
N ALA A 79 1.56 15.03 -22.92
CA ALA A 79 2.74 15.39 -22.15
C ALA A 79 3.55 14.12 -21.92
N TYR A 80 4.85 14.26 -21.83
CA TYR A 80 5.68 13.10 -21.58
C TYR A 80 6.56 13.35 -20.38
N LEU A 81 6.93 12.26 -19.70
CA LEU A 81 7.91 12.22 -18.63
C LEU A 81 8.91 11.13 -18.97
N GLN A 82 10.19 11.46 -19.00
CA GLN A 82 11.20 10.58 -19.59
C GLN A 82 12.43 10.43 -18.70
N TRP A 83 12.94 9.21 -18.60
CA TRP A 83 14.20 8.92 -17.97
C TRP A 83 15.09 8.27 -19.02
N SER A 84 16.39 8.58 -18.97
CA SER A 84 17.34 7.98 -19.90
C SER A 84 18.01 6.74 -19.31
N SER A 85 18.19 6.71 -17.99
CA SER A 85 18.69 5.53 -17.28
C SER A 85 17.96 5.40 -15.95
N LEU A 86 17.13 4.37 -15.83
CA LEU A 86 16.36 4.18 -14.62
C LEU A 86 17.21 3.57 -13.50
N LYS A 87 16.92 3.98 -12.28
CA LYS A 87 17.38 3.30 -11.09
C LYS A 87 16.21 2.58 -10.44
N ALA A 88 16.50 1.60 -9.59
CA ALA A 88 15.44 0.93 -8.86
C ALA A 88 14.66 1.89 -7.97
N SER A 89 15.29 2.97 -7.50
CA SER A 89 14.62 3.94 -6.66
C SER A 89 13.63 4.82 -7.43
N ASP A 90 13.53 4.67 -8.74
CA ASP A 90 12.48 5.34 -9.49
C ASP A 90 11.17 4.56 -9.46
N THR A 91 11.17 3.38 -8.81
CA THR A 91 9.97 2.60 -8.58
C THR A 91 8.93 3.42 -7.80
N ALA A 92 7.78 3.69 -8.43
CA ALA A 92 6.76 4.56 -7.88
C ALA A 92 5.59 4.67 -8.85
N MET A 93 4.52 5.30 -8.36
CA MET A 93 3.40 5.74 -9.17
C MET A 93 3.63 7.19 -9.62
N TYR A 94 3.35 7.46 -10.88
CA TYR A 94 3.51 8.80 -11.44
C TYR A 94 2.16 9.31 -11.92
N PHE A 95 1.76 10.48 -11.41
CA PHE A 95 0.53 11.11 -11.84
C PHE A 95 0.86 12.34 -12.65
N CYS A 96 0.03 12.60 -13.66
CA CYS A 96 -0.02 13.92 -14.25
C CYS A 96 -1.21 14.66 -13.66
N ALA A 97 -1.09 15.97 -13.59
CA ALA A 97 -2.23 16.75 -13.14
C ALA A 97 -2.24 18.06 -13.90
N ARG A 98 -3.43 18.62 -14.09
CA ARG A 98 -3.57 19.86 -14.83
C ARG A 98 -3.47 21.04 -13.88
N GLY A 99 -2.87 22.12 -14.36
CA GLY A 99 -2.88 23.36 -13.64
C GLY A 99 -3.00 24.59 -14.52
N GLY A 100 -2.69 25.75 -13.96
CA GLY A 100 -2.80 27.00 -14.66
C GLY A 100 -1.45 27.62 -14.99
N PHE A 101 -1.51 28.91 -15.36
CA PHE A 101 -0.33 29.70 -15.64
C PHE A 101 0.10 30.46 -14.39
N TYR A 102 1.18 31.25 -14.50
CA TYR A 102 1.66 32.02 -13.35
C TYR A 102 0.52 32.89 -12.80
N GLY A 103 0.19 32.71 -11.52
CA GLY A 103 -0.87 33.45 -10.89
C GLY A 103 -2.27 32.90 -11.06
N SER A 104 -2.43 31.59 -11.29
CA SER A 104 -3.75 30.98 -11.31
C SER A 104 -4.24 30.69 -9.89
N THR A 105 -5.50 30.30 -9.81
CA THR A 105 -6.19 30.16 -8.53
C THR A 105 -6.61 28.72 -8.23
N ILE A 106 -6.48 27.81 -9.21
CA ILE A 106 -6.93 26.43 -9.09
C ILE A 106 -5.79 25.52 -9.56
N TRP A 107 -5.44 24.52 -8.75
CA TRP A 107 -4.32 23.64 -9.06
C TRP A 107 -4.72 22.18 -8.88
N PHE A 108 -4.51 21.40 -9.94
CA PHE A 108 -4.65 19.94 -9.91
C PHE A 108 -6.11 19.58 -9.64
N ASP A 109 -7.00 20.28 -10.33
CA ASP A 109 -8.40 19.93 -10.36
C ASP A 109 -8.65 18.65 -11.16
N PHE A 110 -7.68 18.19 -11.94
CA PHE A 110 -7.84 16.99 -12.75
C PHE A 110 -6.56 16.17 -12.70
N TRP A 111 -6.70 14.87 -12.55
CA TRP A 111 -5.55 13.98 -12.49
C TRP A 111 -5.73 12.83 -13.45
N GLY A 112 -4.65 12.44 -14.10
CA GLY A 112 -4.63 11.15 -14.75
C GLY A 112 -4.76 10.03 -13.73
N GLN A 113 -4.94 8.83 -14.24
CA GLN A 113 -5.16 7.71 -13.34
C GLN A 113 -3.86 7.16 -12.76
N GLY A 114 -2.71 7.70 -13.16
CA GLY A 114 -1.43 7.22 -12.64
C GLY A 114 -0.83 6.12 -13.49
N THR A 115 0.51 6.08 -13.49
CA THR A 115 1.28 5.04 -14.18
C THR A 115 2.26 4.47 -13.18
N MET A 116 2.11 3.19 -12.83
CA MET A 116 3.07 2.52 -11.96
C MET A 116 4.31 2.14 -12.75
N VAL A 117 5.48 2.48 -12.20
CA VAL A 117 6.76 2.16 -12.81
C VAL A 117 7.53 1.34 -11.79
N THR A 118 7.87 0.10 -12.15
CA THR A 118 8.71 -0.76 -11.33
C THR A 118 10.06 -0.94 -12.00
N VAL A 119 11.14 -0.64 -11.28
CA VAL A 119 12.48 -0.79 -11.82
C VAL A 119 13.23 -1.78 -10.96
N SER A 120 13.72 -2.87 -11.56
CA SER A 120 14.31 -3.94 -10.77
C SER A 120 15.27 -4.79 -11.58
N SER A 121 16.30 -5.28 -10.88
CA SER A 121 17.17 -6.37 -11.36
C SER A 121 16.36 -7.58 -11.84
N ALA A 122 15.41 -8.02 -11.01
CA ALA A 122 14.80 -9.33 -11.17
C ALA A 122 14.20 -9.50 -12.55
N SER A 123 14.05 -10.76 -12.97
CA SER A 123 13.33 -11.10 -14.17
C SER A 123 12.02 -11.77 -13.79
N THR A 124 11.03 -11.64 -14.69
CA THR A 124 9.72 -12.26 -14.56
C THR A 124 9.84 -13.70 -14.07
N LYS A 125 9.01 -14.06 -13.08
CA LYS A 125 9.06 -15.41 -12.50
C LYS A 125 7.73 -15.77 -11.85
N GLY A 126 7.25 -16.98 -12.11
CA GLY A 126 6.02 -17.46 -11.53
C GLY A 126 6.21 -17.87 -10.08
N PRO A 127 5.15 -17.85 -9.30
CA PRO A 127 5.28 -18.20 -7.88
C PRO A 127 5.25 -19.70 -7.66
N SER A 128 5.86 -20.12 -6.55
CA SER A 128 5.58 -21.39 -5.91
C SER A 128 4.51 -21.16 -4.84
N VAL A 129 3.47 -21.99 -4.84
CA VAL A 129 2.38 -21.89 -3.87
C VAL A 129 2.48 -23.03 -2.87
N PHE A 130 2.57 -22.68 -1.58
CA PHE A 130 2.75 -23.66 -0.53
C PHE A 130 1.58 -23.60 0.46
N PRO A 131 1.11 -24.76 0.91
CA PRO A 131 0.00 -24.76 1.87
C PRO A 131 0.44 -24.30 3.25
N LEU A 132 -0.44 -23.55 3.90
CA LEU A 132 -0.37 -23.31 5.35
C LEU A 132 -1.50 -24.14 5.95
N ALA A 133 -1.14 -25.36 6.36
CA ALA A 133 -2.11 -26.37 6.76
C ALA A 133 -2.74 -26.05 8.10
N PRO A 134 -4.03 -26.30 8.28
CA PRO A 134 -4.63 -26.25 9.62
C PRO A 134 -4.24 -27.48 10.43
N SER A 135 -4.34 -27.33 11.76
CA SER A 135 -3.76 -28.30 12.68
C SER A 135 -4.46 -28.17 14.05
N SER A 136 -3.68 -28.26 15.13
CA SER A 136 -4.08 -27.92 16.50
C SER A 136 -3.56 -26.55 16.98
N LYS A 137 -2.37 -26.12 16.50
CA LYS A 137 -1.74 -24.82 16.75
C LYS A 137 -2.17 -23.76 15.71
N SER A 138 -3.11 -24.13 14.82
CA SER A 138 -3.99 -23.23 14.08
C SER A 138 -5.46 -23.59 14.40
N THR A 139 -5.80 -23.75 15.71
CA THR A 139 -7.17 -23.98 16.22
C THR A 139 -7.36 -23.08 17.46
N SER A 140 -7.89 -21.86 17.24
CA SER A 140 -8.20 -20.86 18.26
C SER A 140 -9.20 -21.42 19.29
N GLY A 141 -10.50 -21.36 18.99
CA GLY A 141 -11.50 -22.09 19.75
C GLY A 141 -12.22 -23.10 18.87
N GLY A 142 -13.39 -22.71 18.37
CA GLY A 142 -14.00 -23.35 17.24
C GLY A 142 -13.54 -22.78 15.91
N THR A 143 -12.52 -21.91 15.93
CA THR A 143 -11.98 -21.23 14.75
C THR A 143 -10.63 -21.84 14.39
N ALA A 144 -10.49 -22.32 13.15
CA ALA A 144 -9.22 -22.75 12.61
C ALA A 144 -8.72 -21.74 11.58
N ALA A 145 -7.45 -21.86 11.20
CA ALA A 145 -6.86 -20.94 10.24
C ALA A 145 -6.01 -21.73 9.26
N LEU A 146 -6.13 -21.38 7.98
CA LEU A 146 -5.37 -22.05 6.94
C LEU A 146 -5.09 -21.01 5.86
N GLY A 147 -4.25 -21.38 4.91
CA GLY A 147 -3.93 -20.43 3.87
C GLY A 147 -2.88 -20.96 2.93
N CYS A 148 -2.38 -20.05 2.09
CA CYS A 148 -1.40 -20.33 1.05
C CYS A 148 -0.27 -19.32 1.10
N LEU A 149 0.92 -19.81 0.91
CA LEU A 149 2.12 -19.00 0.83
C LEU A 149 2.53 -18.93 -0.64
N VAL A 150 2.32 -17.77 -1.26
CA VAL A 150 2.66 -17.51 -2.64
C VAL A 150 4.06 -16.89 -2.64
N LYS A 151 5.07 -17.68 -3.00
CA LYS A 151 6.46 -17.32 -2.74
C LYS A 151 7.28 -17.22 -4.02
N ASP A 152 8.18 -16.23 -4.04
CA ASP A 152 9.21 -16.06 -5.07
C ASP A 152 8.65 -15.79 -6.48
N TYR A 153 7.98 -14.65 -6.66
CA TYR A 153 7.46 -14.24 -7.97
C TYR A 153 7.88 -12.82 -8.31
N PHE A 154 7.79 -12.49 -9.58
CA PHE A 154 8.12 -11.15 -10.06
C PHE A 154 7.54 -10.96 -11.46
N PRO A 155 7.02 -9.77 -11.78
CA PRO A 155 6.73 -8.73 -10.80
C PRO A 155 5.39 -8.96 -10.13
N GLU A 156 4.94 -7.97 -9.38
CA GLU A 156 3.56 -7.90 -8.94
C GLU A 156 2.64 -7.68 -10.14
N PRO A 157 1.36 -8.08 -10.03
CA PRO A 157 0.70 -8.69 -8.88
C PRO A 157 0.38 -10.18 -9.06
N VAL A 158 -0.07 -10.81 -7.97
CA VAL A 158 -0.77 -12.09 -8.03
C VAL A 158 -2.14 -11.89 -7.39
N THR A 159 -3.14 -12.59 -7.91
CA THR A 159 -4.44 -12.67 -7.23
C THR A 159 -4.53 -14.00 -6.51
N VAL A 160 -5.33 -14.03 -5.45
CA VAL A 160 -5.63 -15.27 -4.76
C VAL A 160 -7.12 -15.28 -4.50
N SER A 161 -7.77 -16.38 -4.87
CA SER A 161 -9.15 -16.66 -4.50
C SER A 161 -9.24 -18.02 -3.80
N TRP A 162 -10.30 -18.21 -3.04
CA TRP A 162 -10.52 -19.45 -2.31
C TRP A 162 -11.75 -20.18 -2.83
N ASN A 163 -11.54 -21.41 -3.30
CA ASN A 163 -12.60 -22.26 -3.85
C ASN A 163 -13.23 -21.59 -5.08
N SER A 164 -12.37 -21.22 -6.03
CA SER A 164 -12.72 -20.46 -7.22
C SER A 164 -13.82 -19.43 -6.92
N GLY A 165 -13.56 -18.60 -5.91
CA GLY A 165 -14.46 -17.53 -5.56
C GLY A 165 -15.58 -17.91 -4.64
N ALA A 166 -15.74 -19.21 -4.35
CA ALA A 166 -16.86 -19.68 -3.55
C ALA A 166 -16.68 -19.36 -2.07
N LEU A 167 -15.46 -19.06 -1.64
CA LEU A 167 -15.15 -18.82 -0.24
C LEU A 167 -14.60 -17.41 -0.10
N THR A 168 -15.31 -16.55 0.63
CA THR A 168 -14.86 -15.17 0.72
C THR A 168 -14.85 -14.62 2.14
N SER A 169 -15.71 -15.11 3.04
CA SER A 169 -15.69 -14.60 4.43
C SER A 169 -14.51 -15.16 5.19
N GLY A 170 -13.92 -14.31 6.04
CA GLY A 170 -12.72 -14.64 6.77
C GLY A 170 -11.43 -14.59 5.97
N VAL A 171 -11.45 -14.12 4.71
CA VAL A 171 -10.27 -14.15 3.86
C VAL A 171 -9.44 -12.88 4.05
N HIS A 172 -8.13 -13.07 4.21
CA HIS A 172 -7.16 -11.99 4.28
C HIS A 172 -6.03 -12.35 3.33
N THR A 173 -5.88 -11.56 2.28
CA THR A 173 -4.70 -11.62 1.42
C THR A 173 -3.84 -10.41 1.77
N PHE A 174 -2.63 -10.67 2.24
CA PHE A 174 -1.75 -9.65 2.76
C PHE A 174 -0.97 -8.99 1.65
N PRO A 175 -0.46 -7.77 1.91
CA PRO A 175 0.49 -7.15 0.98
C PRO A 175 1.69 -8.04 0.78
N ALA A 176 2.13 -8.14 -0.47
CA ALA A 176 3.40 -8.79 -0.75
C ALA A 176 4.51 -8.10 0.04
N VAL A 177 5.53 -8.87 0.41
CA VAL A 177 6.79 -8.33 0.90
C VAL A 177 7.86 -8.65 -0.15
N LEU A 178 8.77 -7.69 -0.37
CA LEU A 178 9.86 -7.85 -1.32
C LEU A 178 11.05 -8.48 -0.62
N GLN A 179 11.55 -9.58 -1.16
CA GLN A 179 12.62 -10.29 -0.49
C GLN A 179 13.96 -9.79 -0.99
N SER A 180 15.01 -10.09 -0.22
CA SER A 180 16.35 -9.75 -0.65
C SER A 180 16.70 -10.39 -1.98
N SER A 181 15.90 -11.35 -2.46
CA SER A 181 16.23 -12.07 -3.68
C SER A 181 16.15 -11.18 -4.93
N GLY A 182 15.13 -10.32 -5.09
CA GLY A 182 13.74 -10.45 -4.71
C GLY A 182 12.93 -9.91 -5.89
N LEU A 183 11.88 -10.56 -6.38
CA LEU A 183 11.12 -11.73 -5.86
C LEU A 183 10.30 -11.36 -4.62
N TYR A 184 9.01 -11.17 -4.87
CA TYR A 184 8.01 -10.91 -3.85
C TYR A 184 7.48 -12.22 -3.27
N SER A 185 6.76 -12.08 -2.16
CA SER A 185 6.18 -13.22 -1.46
C SER A 185 4.93 -12.72 -0.73
N LEU A 186 3.83 -13.47 -0.82
CA LEU A 186 2.67 -13.07 -0.04
C LEU A 186 1.93 -14.29 0.49
N SER A 187 1.00 -14.02 1.37
CA SER A 187 0.22 -15.08 1.95
C SER A 187 -1.23 -14.64 1.96
N SER A 188 -2.12 -15.61 1.71
CA SER A 188 -3.56 -15.46 1.84
C SER A 188 -4.02 -16.45 2.87
N VAL A 189 -4.85 -15.99 3.82
CA VAL A 189 -5.33 -16.84 4.90
C VAL A 189 -6.85 -16.76 4.96
N VAL A 190 -7.44 -17.74 5.64
CA VAL A 190 -8.87 -17.76 5.92
C VAL A 190 -9.07 -18.45 7.27
N THR A 191 -10.07 -17.99 8.03
CA THR A 191 -10.48 -18.64 9.26
C THR A 191 -11.80 -19.38 9.04
N VAL A 192 -11.81 -20.67 9.38
CA VAL A 192 -12.91 -21.60 9.15
C VAL A 192 -13.22 -22.31 10.46
N PRO A 193 -14.32 -23.08 10.57
CA PRO A 193 -14.56 -23.78 11.84
C PRO A 193 -13.69 -25.02 11.99
N SER A 194 -13.32 -25.30 13.25
CA SER A 194 -12.51 -26.48 13.53
C SER A 194 -13.21 -27.75 13.08
N SER A 195 -14.52 -27.83 13.37
CA SER A 195 -15.28 -29.06 13.17
C SER A 195 -15.32 -29.48 11.70
N SER A 196 -15.27 -28.52 10.79
CA SER A 196 -15.67 -28.72 9.41
C SER A 196 -14.54 -29.18 8.51
N LEU A 197 -13.55 -29.91 9.01
CA LEU A 197 -12.22 -29.70 8.46
C LEU A 197 -11.55 -30.87 7.73
N GLY A 198 -11.80 -32.15 8.01
CA GLY A 198 -13.05 -32.72 8.47
C GLY A 198 -13.83 -33.11 7.22
N THR A 199 -14.80 -32.26 6.88
CA THR A 199 -15.72 -32.52 5.80
C THR A 199 -15.60 -31.54 4.65
N GLN A 200 -14.79 -30.49 4.77
CA GLN A 200 -14.75 -29.42 3.78
C GLN A 200 -13.37 -29.31 3.14
N THR A 201 -13.39 -28.92 1.86
CA THR A 201 -12.18 -28.87 1.05
C THR A 201 -11.85 -27.41 0.74
N TYR A 202 -10.57 -27.06 0.90
CA TYR A 202 -10.09 -25.70 0.74
C TYR A 202 -8.96 -25.70 -0.27
N ILE A 203 -9.17 -24.97 -1.37
CA ILE A 203 -8.17 -24.83 -2.41
C ILE A 203 -8.02 -23.33 -2.72
N CYS A 204 -6.77 -22.89 -2.85
CA CYS A 204 -6.51 -21.48 -3.17
C CYS A 204 -6.16 -21.37 -4.64
N ASN A 205 -6.76 -20.39 -5.30
CA ASN A 205 -6.57 -20.18 -6.73
C ASN A 205 -5.64 -18.99 -6.91
N VAL A 206 -4.45 -19.25 -7.43
CA VAL A 206 -3.39 -18.25 -7.49
C VAL A 206 -3.09 -17.94 -8.95
N ASN A 207 -3.19 -16.67 -9.31
CA ASN A 207 -3.00 -16.23 -10.69
C ASN A 207 -1.90 -15.17 -10.75
N HIS A 208 -0.82 -15.49 -11.45
CA HIS A 208 0.25 -14.52 -11.69
C HIS A 208 0.33 -14.24 -13.20
N LYS A 209 -0.54 -13.34 -13.67
CA LYS A 209 -0.64 -13.04 -15.10
C LYS A 209 0.71 -12.74 -15.76
N PRO A 210 1.59 -11.88 -15.21
CA PRO A 210 2.88 -11.61 -15.87
C PRO A 210 3.67 -12.82 -16.32
N SER A 211 3.54 -13.95 -15.64
CA SER A 211 4.29 -15.15 -16.00
C SER A 211 3.37 -16.22 -16.60
N ASN A 212 2.10 -15.88 -16.84
CA ASN A 212 1.09 -16.82 -17.32
C ASN A 212 1.14 -18.11 -16.52
N THR A 213 1.16 -17.94 -15.19
CA THR A 213 1.12 -19.02 -14.21
C THR A 213 -0.19 -18.94 -13.46
N LYS A 214 -0.97 -20.02 -13.53
CA LYS A 214 -2.10 -20.22 -12.64
C LYS A 214 -1.88 -21.53 -11.90
N VAL A 215 -2.28 -21.56 -10.64
CA VAL A 215 -2.04 -22.72 -9.78
C VAL A 215 -3.22 -22.84 -8.84
N ASP A 216 -3.64 -24.08 -8.60
CA ASP A 216 -4.60 -24.41 -7.57
C ASP A 216 -3.92 -25.35 -6.57
N LYS A 217 -4.11 -25.10 -5.28
CA LYS A 217 -3.40 -25.82 -4.24
C LYS A 217 -4.37 -26.17 -3.12
N ARG A 218 -4.53 -27.48 -2.85
CA ARG A 218 -5.41 -27.91 -1.76
C ARG A 218 -4.66 -27.79 -0.43
N VAL A 219 -5.39 -27.34 0.59
CA VAL A 219 -4.80 -27.20 1.92
C VAL A 219 -5.40 -28.23 2.85
N GLU A 220 -4.77 -29.42 2.92
CA GLU A 220 -5.21 -30.52 3.78
C GLU A 220 -4.55 -30.42 5.15
N PRO A 221 -5.31 -30.75 6.22
CA PRO A 221 -4.78 -30.63 7.58
C PRO A 221 -3.59 -31.55 7.88
N LYS A 222 -3.13 -31.58 9.12
CA LYS A 222 -1.94 -32.37 9.44
C LYS A 222 -2.03 -32.98 10.84
N SER A 223 -1.27 -34.06 11.01
CA SER A 223 -1.26 -34.91 12.20
C SER A 223 0.05 -34.74 12.97
N CYS A 224 -0.04 -34.56 14.31
CA CYS A 224 1.14 -34.34 15.16
C CYS A 224 1.37 -35.41 16.26
N ASP A 225 2.61 -35.91 16.32
CA ASP A 225 3.09 -36.96 17.24
C ASP A 225 2.50 -36.79 18.65
N GLU B 1 12.80 25.35 -0.62
CA GLU B 1 11.36 25.24 -0.84
C GLU B 1 10.58 25.57 0.42
N THR B 2 9.37 26.10 0.24
CA THR B 2 8.42 26.22 1.35
C THR B 2 8.11 24.84 1.89
N THR B 3 8.57 24.55 3.09
CA THR B 3 8.27 23.27 3.71
C THR B 3 6.87 23.31 4.32
N VAL B 4 6.12 22.23 4.14
CA VAL B 4 4.77 22.13 4.69
C VAL B 4 4.75 20.96 5.65
N THR B 5 4.54 21.25 6.93
CA THR B 5 4.53 20.24 7.99
C THR B 5 3.08 19.95 8.35
N GLN B 6 2.59 18.80 7.90
CA GLN B 6 1.23 18.39 8.18
C GLN B 6 1.17 17.49 9.40
N SER B 7 0.07 17.59 10.16
CA SER B 7 -0.11 16.81 11.38
C SER B 7 -1.60 16.70 11.67
N PRO B 8 -2.07 15.60 12.29
CA PRO B 8 -1.28 14.44 12.72
C PRO B 8 -0.96 13.53 11.56
N SER B 9 0.17 12.83 11.59
CA SER B 9 0.43 11.83 10.56
C SER B 9 -0.72 10.84 10.47
N PHE B 10 -1.15 10.29 11.61
CA PHE B 10 -2.29 9.38 11.66
C PHE B 10 -3.32 9.88 12.67
N LEU B 11 -4.54 9.42 12.51
CA LEU B 11 -5.65 9.91 13.31
C LEU B 11 -6.78 8.91 13.34
N SER B 12 -7.32 8.68 14.54
CA SER B 12 -8.45 7.80 14.73
C SER B 12 -9.66 8.62 15.14
N ALA B 13 -10.83 8.28 14.59
CA ALA B 13 -12.05 8.98 14.93
C ALA B 13 -13.23 8.09 14.53
N SER B 14 -14.40 8.46 15.05
CA SER B 14 -15.61 7.67 14.88
C SER B 14 -16.57 8.40 13.95
N VAL B 15 -17.40 7.63 13.24
CA VAL B 15 -18.38 8.26 12.37
C VAL B 15 -19.20 9.25 13.18
N GLY B 16 -19.25 10.49 12.70
CA GLY B 16 -19.92 11.56 13.41
C GLY B 16 -18.99 12.48 14.17
N ASP B 17 -17.72 12.13 14.33
CA ASP B 17 -16.77 13.00 15.02
C ASP B 17 -16.49 14.24 14.18
N ARG B 18 -15.54 15.05 14.62
CA ARG B 18 -15.23 16.29 13.93
C ARG B 18 -13.73 16.56 14.07
N VAL B 19 -12.99 16.22 13.03
CA VAL B 19 -11.54 16.22 13.07
C VAL B 19 -11.03 17.48 12.38
N THR B 20 -9.78 17.87 12.70
CA THR B 20 -9.11 19.01 12.05
C THR B 20 -7.63 18.71 11.85
N ILE B 21 -7.17 18.84 10.59
CA ILE B 21 -5.77 18.68 10.19
C ILE B 21 -5.14 20.07 10.09
N THR B 22 -3.83 20.16 10.32
CA THR B 22 -3.18 21.47 10.23
C THR B 22 -1.84 21.37 9.51
N CYS B 23 -1.55 22.36 8.69
CA CYS B 23 -0.31 22.42 7.92
C CYS B 23 0.35 23.75 8.23
N ILE B 24 1.66 23.74 8.41
CA ILE B 24 2.38 24.96 8.70
C ILE B 24 3.50 25.11 7.68
N THR B 25 3.50 26.25 7.00
CA THR B 25 4.53 26.61 6.03
C THR B 25 5.70 27.26 6.74
N THR B 26 6.90 27.06 6.19
CA THR B 26 8.08 27.75 6.66
C THR B 26 8.29 29.10 5.98
N THR B 27 7.52 29.43 4.95
CA THR B 27 7.52 30.76 4.35
C THR B 27 6.08 31.22 4.25
N ASP B 28 5.85 32.53 4.19
CA ASP B 28 4.48 32.98 4.05
C ASP B 28 3.96 32.58 2.68
N ILE B 29 2.68 32.22 2.63
CA ILE B 29 2.10 31.76 1.38
C ILE B 29 0.68 32.31 1.24
N ASP B 30 0.43 33.46 1.90
CA ASP B 30 -0.86 34.14 1.87
C ASP B 30 -1.98 33.11 1.97
N ASP B 31 -2.92 33.06 1.00
CA ASP B 31 -4.01 32.09 1.05
C ASP B 31 -3.87 30.98 -0.01
N ASP B 32 -2.63 30.70 -0.43
CA ASP B 32 -2.36 29.72 -1.50
C ASP B 32 -2.18 28.32 -0.91
N MET B 33 -3.30 27.77 -0.43
CA MET B 33 -3.31 26.49 0.28
C MET B 33 -4.45 25.64 -0.27
N ASN B 34 -4.14 24.37 -0.57
CA ASN B 34 -5.08 23.47 -1.22
C ASN B 34 -5.17 22.15 -0.44
N TRP B 35 -6.29 21.44 -0.58
CA TRP B 35 -6.49 20.21 0.19
C TRP B 35 -7.06 19.11 -0.69
N PHE B 36 -6.44 17.94 -0.63
CA PHE B 36 -6.81 16.80 -1.45
C PHE B 36 -7.14 15.60 -0.58
N GLN B 37 -8.09 14.79 -1.04
CA GLN B 37 -8.36 13.48 -0.45
C GLN B 37 -7.87 12.40 -1.42
N GLN B 38 -7.30 11.31 -0.89
CA GLN B 38 -6.81 10.21 -1.72
C GLN B 38 -7.30 8.89 -1.15
N GLU B 39 -8.21 8.25 -1.86
CA GLU B 39 -8.50 6.87 -1.54
C GLU B 39 -7.42 5.98 -2.15
N PRO B 40 -7.18 4.79 -1.60
CA PRO B 40 -6.10 3.95 -2.11
C PRO B 40 -6.41 3.46 -3.51
N GLY B 41 -5.37 3.36 -4.33
CA GLY B 41 -5.51 3.00 -5.72
C GLY B 41 -6.12 4.07 -6.60
N LYS B 42 -6.48 5.23 -6.06
CA LYS B 42 -7.03 6.33 -6.84
C LYS B 42 -6.04 7.49 -6.89
N ALA B 43 -6.25 8.38 -7.84
CA ALA B 43 -5.49 9.62 -7.81
C ALA B 43 -6.09 10.59 -6.81
N PRO B 44 -5.29 11.50 -6.27
CA PRO B 44 -5.83 12.55 -5.40
C PRO B 44 -6.98 13.32 -6.05
N LYS B 45 -7.96 13.70 -5.22
CA LYS B 45 -9.12 14.51 -5.64
C LYS B 45 -9.06 15.83 -4.90
N LEU B 46 -9.22 16.94 -5.64
CA LEU B 46 -9.13 18.27 -5.02
C LEU B 46 -10.44 18.56 -4.28
N LEU B 47 -10.32 19.08 -3.05
CA LEU B 47 -11.46 19.47 -2.22
C LEU B 47 -11.57 20.97 -2.01
N ILE B 48 -10.45 21.69 -2.00
CA ILE B 48 -10.44 23.10 -1.66
C ILE B 48 -9.28 23.77 -2.40
N SER B 49 -9.59 24.82 -3.14
CA SER B 49 -8.64 25.60 -3.92
C SER B 49 -8.00 26.69 -3.07
N GLU B 50 -7.12 27.51 -3.68
CA GLU B 50 -6.59 28.69 -2.99
C GLU B 50 -7.74 29.48 -2.37
N GLY B 51 -7.51 30.04 -1.19
CA GLY B 51 -8.55 30.81 -0.50
C GLY B 51 -9.77 30.03 -0.06
N ASN B 52 -9.60 28.80 0.40
CA ASN B 52 -10.69 27.98 0.97
C ASN B 52 -11.90 27.83 0.05
N ILE B 53 -11.70 27.85 -1.26
CA ILE B 53 -12.85 27.70 -2.16
C ILE B 53 -13.20 26.22 -2.22
N LEU B 54 -14.32 25.84 -1.62
CA LEU B 54 -14.82 24.49 -1.79
C LEU B 54 -14.98 24.20 -3.26
N ARG B 55 -14.45 23.08 -3.72
CA ARG B 55 -14.61 22.75 -5.13
C ARG B 55 -16.04 22.28 -5.39
N PRO B 56 -16.58 22.60 -6.58
CA PRO B 56 -17.98 22.24 -6.88
C PRO B 56 -18.28 20.77 -6.70
N GLY B 57 -19.03 20.42 -5.66
CA GLY B 57 -19.41 19.05 -5.40
C GLY B 57 -18.84 18.52 -4.10
N VAL B 58 -17.82 19.18 -3.56
CA VAL B 58 -17.32 18.81 -2.24
C VAL B 58 -18.41 19.07 -1.21
N PRO B 59 -18.76 18.10 -0.36
CA PRO B 59 -19.89 18.27 0.56
C PRO B 59 -19.69 19.38 1.57
N SER B 60 -20.83 19.81 2.12
CA SER B 60 -20.89 20.92 3.06
C SER B 60 -20.03 20.70 4.31
N ARG B 61 -19.78 19.44 4.68
CA ARG B 61 -19.04 19.12 5.90
C ARG B 61 -17.55 19.44 5.82
N PHE B 62 -17.02 19.77 4.63
CA PHE B 62 -15.61 20.09 4.45
C PHE B 62 -15.43 21.60 4.49
N SER B 63 -14.33 22.05 5.08
CA SER B 63 -14.10 23.48 5.23
C SER B 63 -12.63 23.72 5.54
N SER B 64 -12.20 24.95 5.33
CA SER B 64 -10.79 25.26 5.26
C SER B 64 -10.54 26.61 5.93
N SER B 65 -9.34 26.80 6.46
CA SER B 65 -9.02 28.07 7.10
C SER B 65 -7.52 28.27 7.08
N GLY B 66 -7.11 29.53 7.14
CA GLY B 66 -5.71 29.88 7.31
C GLY B 66 -5.33 31.07 6.46
N TYR B 67 -4.22 31.70 6.84
CA TYR B 67 -3.64 32.78 6.05
C TYR B 67 -2.22 33.01 6.54
N GLY B 68 -1.25 32.98 5.65
CA GLY B 68 0.12 33.22 6.04
C GLY B 68 0.97 31.98 6.26
N THR B 69 0.63 31.18 7.28
CA THR B 69 1.52 30.09 7.71
C THR B 69 0.79 28.91 8.32
N ASP B 70 -0.33 29.15 8.99
CA ASP B 70 -1.06 28.12 9.73
C ASP B 70 -2.41 27.89 9.05
N PHE B 71 -2.64 26.67 8.58
CA PHE B 71 -3.84 26.35 7.81
C PHE B 71 -4.48 25.09 8.36
N THR B 72 -5.81 25.03 8.26
CA THR B 72 -6.55 23.90 8.83
C THR B 72 -7.66 23.50 7.89
N LEU B 73 -7.80 22.18 7.72
CA LEU B 73 -8.97 21.52 7.17
C LEU B 73 -9.83 21.06 8.34
N THR B 74 -11.14 21.08 8.16
CA THR B 74 -12.06 20.66 9.23
C THR B 74 -13.23 19.90 8.63
N ILE B 75 -13.43 18.67 9.07
CA ILE B 75 -14.57 17.87 8.65
C ILE B 75 -15.49 17.72 9.84
N SER B 76 -16.67 18.31 9.74
CA SER B 76 -17.75 17.97 10.64
C SER B 76 -18.37 16.66 10.18
N LYS B 77 -19.17 16.05 11.05
CA LYS B 77 -20.05 14.92 10.71
C LYS B 77 -19.32 13.93 9.78
N LEU B 78 -18.17 13.46 10.27
CA LEU B 78 -17.38 12.46 9.56
C LEU B 78 -18.23 11.29 9.09
N GLN B 79 -18.47 11.20 7.79
CA GLN B 79 -19.21 10.10 7.22
C GLN B 79 -18.28 8.93 6.95
N PRO B 80 -18.79 7.75 6.59
CA PRO B 80 -17.89 6.62 6.33
C PRO B 80 -16.99 6.83 5.13
N GLU B 81 -17.51 7.48 4.07
CA GLU B 81 -16.73 7.72 2.86
C GLU B 81 -15.46 8.51 3.16
N ASP B 82 -15.45 9.31 4.22
CA ASP B 82 -14.38 10.26 4.48
C ASP B 82 -13.15 9.64 5.14
N PHE B 83 -13.13 8.33 5.38
CA PHE B 83 -11.95 7.69 5.97
C PHE B 83 -10.95 7.36 4.86
N ALA B 84 -9.82 8.07 4.86
CA ALA B 84 -8.86 8.05 3.77
C ALA B 84 -7.66 8.90 4.15
N THR B 85 -6.85 9.28 3.18
CA THR B 85 -5.68 10.13 3.41
C THR B 85 -5.96 11.51 2.82
N TYR B 86 -5.45 12.55 3.49
CA TYR B 86 -5.63 13.94 3.10
C TYR B 86 -4.26 14.58 2.99
N TYR B 87 -4.08 15.41 1.97
CA TYR B 87 -2.83 16.13 1.75
C TYR B 87 -3.10 17.61 1.56
N CYS B 88 -2.19 18.45 2.04
CA CYS B 88 -2.25 19.85 1.69
C CYS B 88 -1.11 20.18 0.73
N LEU B 89 -1.31 21.24 -0.05
CA LEU B 89 -0.42 21.65 -1.13
C LEU B 89 -0.38 23.16 -1.16
N GLN B 90 0.81 23.74 -1.06
CA GLN B 90 0.98 25.17 -1.23
C GLN B 90 1.20 25.45 -2.71
N SER B 91 0.41 26.37 -3.25
CA SER B 91 0.50 26.79 -4.64
C SER B 91 1.04 28.21 -4.76
N ASP B 92 1.83 28.64 -3.79
CA ASP B 92 2.30 30.02 -3.74
C ASP B 92 3.66 30.19 -4.41
N ASN B 93 4.45 29.14 -4.56
CA ASN B 93 5.78 29.29 -5.16
C ASN B 93 6.45 27.94 -5.43
N LEU B 94 7.28 27.94 -6.38
CA LEU B 94 7.95 26.75 -6.89
C LEU B 94 9.19 26.43 -6.06
N PRO B 95 9.48 25.14 -5.87
CA PRO B 95 8.62 24.03 -6.28
C PRO B 95 7.35 23.93 -5.41
N PHE B 96 6.23 23.53 -6.02
CA PHE B 96 5.07 23.10 -5.24
C PHE B 96 5.49 22.06 -4.22
N THR B 97 4.98 22.19 -3.01
CA THR B 97 5.32 21.25 -1.95
C THR B 97 4.06 20.80 -1.25
N PHE B 98 4.03 19.50 -0.93
CA PHE B 98 2.88 18.85 -0.30
C PHE B 98 3.16 18.62 1.18
N GLY B 99 2.09 18.60 1.97
CA GLY B 99 2.19 18.01 3.29
C GLY B 99 2.40 16.52 3.18
N GLN B 100 2.95 15.93 4.24
CA GLN B 100 3.25 14.50 4.16
C GLN B 100 2.02 13.63 4.33
N GLY B 101 0.85 14.21 4.57
CA GLY B 101 -0.39 13.47 4.57
C GLY B 101 -0.91 13.18 5.96
N THR B 102 -2.23 12.98 6.05
CA THR B 102 -2.92 12.53 7.25
C THR B 102 -3.76 11.32 6.91
N LYS B 103 -3.63 10.24 7.68
CA LYS B 103 -4.39 9.00 7.44
C LYS B 103 -5.48 8.85 8.49
N LEU B 104 -6.72 8.62 8.03
CA LEU B 104 -7.90 8.58 8.90
C LEU B 104 -8.35 7.15 9.14
N GLU B 105 -8.30 6.72 10.39
CA GLU B 105 -8.68 5.36 10.77
C GLU B 105 -9.97 5.39 11.59
N ILE B 106 -10.85 4.40 11.34
CA ILE B 106 -12.05 4.21 12.15
C ILE B 106 -11.64 3.78 13.56
N LYS B 107 -12.11 4.51 14.57
CA LYS B 107 -11.86 4.10 15.95
C LYS B 107 -12.88 3.03 16.36
N ARG B 108 -12.39 1.94 16.96
CA ARG B 108 -13.24 0.93 17.57
C ARG B 108 -12.61 0.48 18.89
N THR B 109 -13.23 -0.49 19.54
CA THR B 109 -12.75 -0.98 20.84
C THR B 109 -11.59 -1.93 20.65
N VAL B 110 -10.82 -2.13 21.72
CA VAL B 110 -9.69 -3.05 21.66
C VAL B 110 -10.17 -4.46 21.32
N ALA B 111 -9.40 -5.15 20.49
CA ALA B 111 -9.61 -6.54 20.17
C ALA B 111 -8.25 -7.22 20.20
N ALA B 112 -8.15 -8.30 20.97
CA ALA B 112 -6.90 -9.03 20.98
C ALA B 112 -6.75 -9.85 19.69
N PRO B 113 -5.53 -10.09 19.23
CA PRO B 113 -5.35 -10.92 18.03
C PRO B 113 -5.56 -12.40 18.32
N SER B 114 -6.11 -13.10 17.34
CA SER B 114 -6.05 -14.55 17.30
C SER B 114 -4.79 -14.97 16.58
N VAL B 115 -4.00 -15.81 17.22
CA VAL B 115 -2.66 -16.14 16.77
C VAL B 115 -2.62 -17.59 16.33
N PHE B 116 -1.91 -17.84 15.24
CA PHE B 116 -1.77 -19.16 14.63
C PHE B 116 -0.38 -19.27 14.05
N ILE B 117 0.31 -20.38 14.28
CA ILE B 117 1.64 -20.60 13.73
C ILE B 117 1.56 -21.73 12.71
N PHE B 118 2.31 -21.59 11.62
CA PHE B 118 2.31 -22.54 10.51
C PHE B 118 3.70 -23.05 10.23
N PRO B 119 4.00 -24.32 10.44
CA PRO B 119 5.33 -24.85 10.12
C PRO B 119 5.52 -24.90 8.62
N PRO B 120 6.77 -24.87 8.14
CA PRO B 120 6.99 -24.99 6.69
C PRO B 120 6.35 -26.25 6.13
N SER B 121 5.74 -26.11 4.96
CA SER B 121 5.12 -27.25 4.31
C SER B 121 6.19 -28.25 3.88
N ASP B 122 5.75 -29.49 3.63
CA ASP B 122 6.67 -30.53 3.19
C ASP B 122 7.08 -30.33 1.73
N GLU B 123 6.14 -29.85 0.90
CA GLU B 123 6.50 -29.46 -0.47
C GLU B 123 7.65 -28.46 -0.46
N GLN B 124 7.56 -27.43 0.39
CA GLN B 124 8.62 -26.42 0.37
C GLN B 124 9.93 -27.03 0.85
N LEU B 125 9.89 -27.85 1.90
CA LEU B 125 11.12 -28.40 2.43
C LEU B 125 11.86 -29.24 1.40
N LYS B 126 11.16 -29.87 0.45
CA LYS B 126 11.92 -30.65 -0.52
C LYS B 126 12.74 -29.78 -1.47
N SER B 127 12.69 -28.45 -1.34
CA SER B 127 13.48 -27.54 -2.16
C SER B 127 14.46 -26.69 -1.36
N GLY B 128 14.65 -26.99 -0.08
CA GLY B 128 15.77 -26.41 0.64
C GLY B 128 15.54 -25.07 1.31
N THR B 129 14.30 -24.61 1.39
CA THR B 129 14.00 -23.40 2.15
C THR B 129 12.81 -23.67 3.06
N ALA B 130 12.86 -23.10 4.25
CA ALA B 130 11.81 -23.24 5.25
C ALA B 130 11.21 -21.87 5.50
N SER B 131 9.89 -21.77 5.41
CA SER B 131 9.16 -20.55 5.74
C SER B 131 8.19 -20.91 6.85
N VAL B 132 8.44 -20.37 8.04
CA VAL B 132 7.53 -20.45 9.17
C VAL B 132 6.67 -19.19 9.15
N VAL B 133 5.38 -19.34 9.40
CA VAL B 133 4.46 -18.22 9.25
C VAL B 133 3.66 -18.03 10.52
N CYS B 134 3.49 -16.78 10.92
CA CYS B 134 2.69 -16.44 12.08
C CYS B 134 1.58 -15.47 11.68
N LEU B 135 0.35 -15.86 11.97
CA LEU B 135 -0.81 -15.05 11.66
C LEU B 135 -1.38 -14.46 12.94
N LEU B 136 -1.54 -13.15 12.95
CA LEU B 136 -2.31 -12.45 13.96
C LEU B 136 -3.60 -11.98 13.27
N ASN B 137 -4.74 -12.43 13.77
CA ASN B 137 -5.98 -12.21 13.06
C ASN B 137 -6.91 -11.28 13.82
N ASN B 138 -7.49 -10.32 13.10
CA ASN B 138 -8.54 -9.42 13.57
C ASN B 138 -8.29 -8.82 14.94
N PHE B 139 -7.42 -7.80 15.01
CA PHE B 139 -7.11 -7.11 16.25
C PHE B 139 -7.20 -5.61 16.01
N TYR B 140 -7.40 -4.86 17.10
CA TYR B 140 -7.37 -3.42 17.08
C TYR B 140 -6.84 -3.01 18.45
N PRO B 141 -5.95 -2.02 18.53
CA PRO B 141 -5.44 -1.18 17.44
C PRO B 141 -4.34 -1.86 16.62
N ARG B 142 -3.75 -1.08 15.71
CA ARG B 142 -2.76 -1.59 14.77
C ARG B 142 -1.48 -2.06 15.45
N GLU B 143 -1.07 -1.44 16.56
CA GLU B 143 0.24 -1.76 17.15
C GLU B 143 0.27 -3.19 17.67
N ALA B 144 1.28 -3.94 17.25
CA ALA B 144 1.44 -5.33 17.66
C ALA B 144 2.88 -5.73 17.34
N LYS B 145 3.50 -6.44 18.27
CA LYS B 145 4.87 -6.89 18.14
C LYS B 145 4.90 -8.41 18.02
N VAL B 146 5.58 -8.92 17.00
CA VAL B 146 5.87 -10.34 16.87
C VAL B 146 7.34 -10.58 17.23
N GLN B 147 7.60 -11.55 18.10
CA GLN B 147 8.95 -12.00 18.42
C GLN B 147 9.06 -13.47 18.05
N TRP B 148 9.75 -13.77 16.96
CA TRP B 148 10.10 -15.15 16.68
C TRP B 148 11.14 -15.63 17.68
N LYS B 149 11.01 -16.88 18.09
CA LYS B 149 11.96 -17.50 19.00
C LYS B 149 12.26 -18.89 18.47
N VAL B 150 13.54 -19.28 18.46
CA VAL B 150 13.98 -20.56 17.91
C VAL B 150 14.79 -21.28 18.98
N ASP B 151 14.20 -22.33 19.57
CA ASP B 151 14.75 -22.98 20.75
C ASP B 151 14.99 -21.95 21.86
N ASN B 152 14.01 -21.07 22.03
CA ASN B 152 13.98 -19.97 23.00
C ASN B 152 14.91 -18.81 22.65
N ALA B 153 15.73 -18.92 21.60
CA ALA B 153 16.55 -17.80 21.18
C ALA B 153 15.70 -16.78 20.44
N LEU B 154 15.62 -15.55 20.95
CA LEU B 154 14.93 -14.49 20.23
C LEU B 154 15.63 -14.23 18.90
N GLN B 155 14.85 -14.17 17.82
CA GLN B 155 15.40 -13.91 16.50
C GLN B 155 15.35 -12.42 16.17
N SER B 156 16.29 -11.99 15.31
CA SER B 156 16.31 -10.66 14.74
C SER B 156 16.72 -10.77 13.28
N GLY B 157 16.20 -9.86 12.43
CA GLY B 157 16.64 -9.75 11.05
C GLY B 157 16.29 -10.95 10.19
N ASN B 158 15.40 -11.74 10.71
CA ASN B 158 15.06 -13.09 10.27
C ASN B 158 13.72 -13.18 9.55
N SER B 159 12.93 -12.11 9.59
CA SER B 159 11.51 -12.21 9.33
C SER B 159 11.04 -11.00 8.53
N GLN B 160 9.86 -11.12 7.95
CA GLN B 160 9.21 -10.01 7.29
C GLN B 160 7.74 -10.00 7.67
N GLU B 161 7.19 -8.81 7.85
CA GLU B 161 5.83 -8.63 8.31
C GLU B 161 5.03 -7.95 7.21
N SER B 162 3.72 -8.11 7.28
CA SER B 162 2.87 -7.30 6.44
C SER B 162 1.50 -7.24 7.11
N VAL B 163 0.80 -6.12 6.96
CA VAL B 163 -0.46 -5.87 7.66
C VAL B 163 -1.54 -5.49 6.65
N THR B 164 -2.75 -6.04 6.84
CA THR B 164 -3.88 -5.65 6.00
C THR B 164 -4.33 -4.21 6.30
N GLU B 165 -5.17 -3.69 5.42
CA GLU B 165 -5.90 -2.48 5.72
C GLU B 165 -7.02 -2.80 6.71
N GLN B 166 -7.61 -1.75 7.27
CA GLN B 166 -8.71 -1.92 8.18
C GLN B 166 -9.88 -2.60 7.48
N ASP B 167 -10.38 -3.68 8.07
CA ASP B 167 -11.53 -4.38 7.52
C ASP B 167 -12.73 -3.46 7.47
N SER B 168 -13.45 -3.47 6.35
CA SER B 168 -14.61 -2.60 6.19
C SER B 168 -15.67 -2.91 7.25
N LYS B 169 -15.82 -4.18 7.64
CA LYS B 169 -16.89 -4.63 8.53
C LYS B 169 -16.53 -4.47 10.01
N ASP B 170 -15.47 -5.16 10.49
CA ASP B 170 -15.11 -5.14 11.91
C ASP B 170 -14.07 -4.09 12.26
N SER B 171 -13.38 -3.48 11.28
CA SER B 171 -12.35 -2.45 11.55
C SER B 171 -11.17 -2.99 12.36
N THR B 172 -10.86 -4.26 12.17
CA THR B 172 -9.65 -4.81 12.76
C THR B 172 -8.54 -4.86 11.72
N TYR B 173 -7.36 -5.18 12.20
CA TYR B 173 -6.23 -5.44 11.33
C TYR B 173 -5.85 -6.91 11.42
N SER B 174 -5.07 -7.35 10.46
CA SER B 174 -4.50 -8.69 10.50
C SER B 174 -3.04 -8.61 10.07
N LEU B 175 -2.19 -9.43 10.68
CA LEU B 175 -0.74 -9.35 10.46
C LEU B 175 -0.22 -10.72 10.07
N SER B 176 0.68 -10.75 9.09
CA SER B 176 1.40 -11.95 8.75
C SER B 176 2.89 -11.71 8.89
N SER B 177 3.58 -12.61 9.59
CA SER B 177 5.01 -12.61 9.81
C SER B 177 5.58 -13.92 9.32
N THR B 178 6.68 -13.84 8.57
CA THR B 178 7.30 -14.98 7.94
C THR B 178 8.74 -15.06 8.42
N LEU B 179 9.09 -16.15 9.04
CA LEU B 179 10.49 -16.40 9.42
C LEU B 179 11.06 -17.34 8.38
N THR B 180 12.12 -16.91 7.68
CA THR B 180 12.68 -17.70 6.58
C THR B 180 14.08 -18.20 6.95
N LEU B 181 14.28 -19.52 6.91
CA LEU B 181 15.58 -20.17 7.13
C LEU B 181 15.92 -21.05 5.95
N SER B 182 17.21 -21.35 5.81
CA SER B 182 17.60 -22.47 4.98
C SER B 182 17.06 -23.75 5.60
N LYS B 183 16.81 -24.75 4.75
CA LYS B 183 16.40 -26.06 5.27
C LYS B 183 17.40 -26.58 6.28
N ALA B 184 18.68 -26.25 6.10
CA ALA B 184 19.72 -26.70 7.02
C ALA B 184 19.55 -26.09 8.41
N ASP B 185 19.57 -24.75 8.51
CA ASP B 185 19.31 -24.14 9.80
C ASP B 185 17.98 -24.59 10.38
N TYR B 186 16.97 -24.78 9.53
CA TYR B 186 15.68 -25.23 10.04
C TYR B 186 15.85 -26.51 10.86
N GLU B 187 16.62 -27.47 10.35
CA GLU B 187 16.73 -28.78 10.98
C GLU B 187 17.70 -28.82 12.15
N LYS B 188 18.53 -27.79 12.30
CA LYS B 188 19.41 -27.62 13.46
C LYS B 188 18.64 -27.51 14.76
N HIS B 189 17.36 -27.13 14.71
CA HIS B 189 16.64 -26.66 15.89
C HIS B 189 15.31 -27.38 15.99
N LYS B 190 14.77 -27.42 17.22
CA LYS B 190 13.59 -28.23 17.53
C LYS B 190 12.32 -27.39 17.65
N VAL B 191 12.30 -26.40 18.54
CA VAL B 191 11.06 -25.72 18.94
C VAL B 191 11.01 -24.34 18.27
N TYR B 192 9.89 -24.05 17.59
CA TYR B 192 9.71 -22.84 16.79
C TYR B 192 8.49 -22.12 17.32
N ALA B 193 8.65 -20.88 17.74
CA ALA B 193 7.58 -20.23 18.48
C ALA B 193 7.41 -18.81 17.99
N CYS B 194 6.20 -18.31 18.18
CA CYS B 194 5.79 -16.98 17.75
C CYS B 194 5.16 -16.27 18.95
N GLU B 195 5.77 -15.17 19.41
CA GLU B 195 5.33 -14.48 20.63
C GLU B 195 4.75 -13.12 20.26
N VAL B 196 3.46 -12.94 20.55
CA VAL B 196 2.70 -11.74 20.20
C VAL B 196 2.46 -10.93 21.46
N THR B 197 2.81 -9.66 21.40
CA THR B 197 2.46 -8.68 22.41
C THR B 197 1.53 -7.65 21.79
N HIS B 198 0.50 -7.27 22.53
CA HIS B 198 -0.54 -6.44 21.98
C HIS B 198 -1.41 -5.94 23.12
N GLN B 199 -1.77 -4.66 23.05
CA GLN B 199 -2.53 -4.03 24.14
C GLN B 199 -3.75 -4.83 24.58
N GLY B 200 -4.33 -5.61 23.71
CA GLY B 200 -5.46 -6.41 24.11
C GLY B 200 -5.12 -7.71 24.79
N LEU B 201 -3.86 -7.94 25.13
CA LEU B 201 -3.46 -9.12 25.86
C LEU B 201 -2.85 -8.70 27.19
N SER B 202 -3.35 -9.27 28.28
CA SER B 202 -2.75 -8.99 29.58
C SER B 202 -1.27 -9.33 29.57
N SER B 203 -0.91 -10.39 28.85
CA SER B 203 0.48 -10.83 28.73
C SER B 203 0.65 -11.49 27.37
N PRO B 204 1.89 -11.67 26.91
CA PRO B 204 2.12 -12.21 25.56
C PRO B 204 1.60 -13.63 25.38
N VAL B 205 1.00 -13.88 24.20
CA VAL B 205 0.59 -15.21 23.77
C VAL B 205 1.66 -15.82 22.89
N THR B 206 1.94 -17.10 23.10
CA THR B 206 2.86 -17.81 22.21
C THR B 206 2.18 -19.03 21.61
N LYS B 207 2.37 -19.19 20.30
CA LYS B 207 2.05 -20.38 19.55
C LYS B 207 3.38 -21.05 19.20
N SER B 208 3.47 -22.37 19.35
CA SER B 208 4.74 -23.07 19.13
C SER B 208 4.49 -24.39 18.43
N PHE B 209 5.57 -25.02 17.98
CA PHE B 209 5.53 -26.37 17.45
C PHE B 209 6.93 -26.97 17.50
N ASN B 210 6.99 -28.29 17.34
CA ASN B 210 8.23 -29.02 17.26
C ASN B 210 8.44 -29.48 15.83
N ARG B 211 9.62 -29.22 15.29
CA ARG B 211 9.95 -29.74 13.97
C ARG B 211 9.88 -31.27 13.98
N GLY B 212 9.16 -31.82 13.02
CA GLY B 212 8.99 -33.25 12.97
C GLY B 212 7.69 -33.67 13.59
N GLU B 213 7.34 -33.01 14.72
CA GLU B 213 6.14 -33.38 15.47
C GLU B 213 4.95 -33.57 14.55
N CYS B 214 4.70 -32.62 13.65
CA CYS B 214 3.92 -32.93 12.46
C CYS B 214 4.69 -32.59 11.19
S SO4 C . -6.14 32.77 -27.14
O1 SO4 C . -6.30 31.31 -27.33
O2 SO4 C . -6.27 33.11 -25.70
O3 SO4 C . -4.79 33.16 -27.64
O4 SO4 C . -7.18 33.51 -27.88
CA CA D . -3.42 34.24 -3.43
CA CA E . 0.21 34.11 -3.72
#